data_1VTP
#
_entry.id   1VTP
#
_cell.length_a   1.000
_cell.length_b   1.000
_cell.length_c   1.000
_cell.angle_alpha   90.00
_cell.angle_beta   90.00
_cell.angle_gamma   90.00
#
_symmetry.space_group_name_H-M   'P 1'
#
_entity_poly.entity_id   1
_entity_poly.type   'polypeptide(L)'
_entity_poly.pdbx_seq_one_letter_code
;SEYASKVDEYVGEVENDLQKSKVAVS
;
_entity_poly.pdbx_strand_id   A
#
# COMPACT_ATOMS: atom_id res chain seq x y z
N SER A 1 -4.44 10.91 13.14
CA SER A 1 -5.18 11.36 11.93
C SER A 1 -5.23 10.21 10.92
N GLU A 2 -4.09 9.90 10.35
CA GLU A 2 -3.98 8.80 9.36
C GLU A 2 -3.79 7.45 10.04
N TYR A 3 -4.45 7.32 11.16
CA TYR A 3 -4.37 6.07 11.98
C TYR A 3 -5.45 5.04 11.60
N ALA A 4 -6.56 5.51 11.07
CA ALA A 4 -7.66 4.59 10.66
C ALA A 4 -8.53 5.23 9.57
N SER A 5 -8.08 6.35 9.08
CA SER A 5 -8.82 7.09 8.01
C SER A 5 -8.02 6.87 6.71
N LYS A 6 -6.83 7.40 6.72
CA LYS A 6 -5.94 7.27 5.54
C LYS A 6 -5.60 5.80 5.27
N VAL A 7 -5.79 4.96 6.25
CA VAL A 7 -5.50 3.50 6.14
C VAL A 7 -6.16 2.90 4.89
N ASP A 8 -7.37 3.34 4.69
CA ASP A 8 -8.19 2.87 3.52
C ASP A 8 -8.02 3.78 2.30
N GLU A 9 -8.05 5.07 2.53
CA GLU A 9 -7.90 6.05 1.40
C GLU A 9 -6.56 5.93 0.67
N TYR A 10 -5.55 5.52 1.40
CA TYR A 10 -4.17 5.34 0.85
C TYR A 10 -3.90 3.89 0.46
N VAL A 11 -4.76 2.99 0.88
CA VAL A 11 -4.61 1.53 0.56
C VAL A 11 -4.18 1.29 -0.91
N GLY A 12 -4.75 2.06 -1.81
CA GLY A 12 -4.41 1.92 -3.25
C GLY A 12 -2.90 2.08 -3.47
N GLU A 13 -2.37 3.16 -2.95
CA GLU A 13 -0.90 3.41 -3.10
C GLU A 13 -0.11 2.28 -2.41
N VAL A 14 -0.59 1.83 -1.27
CA VAL A 14 0.13 0.72 -0.56
C VAL A 14 0.26 -0.46 -1.52
N GLU A 15 -0.85 -0.82 -2.12
CA GLU A 15 -0.87 -1.95 -3.09
C GLU A 15 0.16 -1.69 -4.20
N ASN A 16 0.15 -0.48 -4.71
CA ASN A 16 1.10 -0.10 -5.79
C ASN A 16 2.55 -0.40 -5.35
N ASP A 17 2.86 0.06 -4.17
CA ASP A 17 4.24 -0.15 -3.61
C ASP A 17 4.54 -1.65 -3.53
N LEU A 18 3.60 -2.37 -2.97
CA LEU A 18 3.74 -3.84 -2.81
C LEU A 18 4.08 -4.49 -4.15
N GLN A 19 3.27 -4.14 -5.13
CA GLN A 19 3.44 -4.65 -6.53
C GLN A 19 4.93 -4.63 -6.93
N LYS A 20 5.51 -3.47 -6.77
CA LYS A 20 6.95 -3.25 -7.10
C LYS A 20 7.91 -4.02 -6.16
N SER A 21 7.72 -3.81 -4.88
CA SER A 21 8.56 -4.47 -3.82
C SER A 21 8.67 -5.99 -4.01
N LYS A 22 7.55 -6.60 -4.27
CA LYS A 22 7.48 -8.08 -4.48
C LYS A 22 6.64 -8.31 -5.74
N VAL A 23 7.31 -8.19 -6.86
CA VAL A 23 6.68 -8.37 -8.20
C VAL A 23 6.68 -9.86 -8.59
N ALA A 24 6.18 -10.67 -7.69
CA ALA A 24 6.11 -12.15 -7.90
C ALA A 24 7.49 -12.75 -8.27
N VAL A 25 8.51 -12.13 -7.74
CA VAL A 25 9.93 -12.54 -7.97
C VAL A 25 10.34 -12.37 -9.45
N SER A 26 11.63 -12.36 -9.67
CA SER A 26 12.16 -12.19 -11.07
C SER A 26 11.76 -13.40 -11.95
N SER A 1 -5.54 10.70 18.21
CA SER A 1 -5.34 10.87 16.75
C SER A 1 -5.74 9.56 16.02
N GLU A 2 -7.01 9.22 16.11
CA GLU A 2 -7.50 7.98 15.44
C GLU A 2 -7.55 8.19 13.91
N TYR A 3 -6.54 7.67 13.27
CA TYR A 3 -6.40 7.78 11.78
C TYR A 3 -7.09 6.58 11.09
N ALA A 4 -8.25 6.23 11.60
CA ALA A 4 -9.04 5.08 11.04
C ALA A 4 -9.85 5.48 9.78
N SER A 5 -9.17 6.18 8.90
CA SER A 5 -9.78 6.67 7.63
C SER A 5 -8.65 6.70 6.60
N LYS A 6 -7.67 7.51 6.88
CA LYS A 6 -6.48 7.65 5.97
C LYS A 6 -5.83 6.28 5.76
N VAL A 7 -5.81 5.50 6.81
CA VAL A 7 -5.21 4.13 6.77
C VAL A 7 -5.69 3.32 5.56
N ASP A 8 -6.97 3.46 5.35
CA ASP A 8 -7.65 2.75 4.21
C ASP A 8 -7.43 3.46 2.88
N GLU A 9 -7.51 4.76 2.90
CA GLU A 9 -7.31 5.56 1.65
C GLU A 9 -5.93 5.31 1.03
N TYR A 10 -4.93 5.46 1.85
CA TYR A 10 -3.51 5.27 1.44
C TYR A 10 -3.18 3.83 1.02
N VAL A 11 -4.00 2.90 1.43
CA VAL A 11 -3.75 1.47 1.07
C VAL A 11 -3.55 1.27 -0.44
N GLY A 12 -4.21 2.08 -1.25
CA GLY A 12 -4.06 1.95 -2.73
C GLY A 12 -2.57 2.05 -3.10
N GLU A 13 -1.94 3.06 -2.58
CA GLU A 13 -0.49 3.27 -2.86
C GLU A 13 0.32 2.09 -2.31
N VAL A 14 -0.04 1.61 -1.15
CA VAL A 14 0.70 0.44 -0.56
C VAL A 14 0.65 -0.71 -1.58
N GLU A 15 -0.52 -0.95 -2.11
CA GLU A 15 -0.71 -2.02 -3.12
C GLU A 15 0.26 -1.77 -4.29
N ASN A 16 0.28 -0.55 -4.76
CA ASN A 16 1.17 -0.15 -5.89
C ASN A 16 2.63 -0.54 -5.57
N ASP A 17 3.03 -0.16 -4.38
CA ASP A 17 4.41 -0.45 -3.90
C ASP A 17 4.67 -1.96 -3.95
N LEU A 18 3.74 -2.70 -3.38
CA LEU A 18 3.84 -4.19 -3.34
C LEU A 18 4.11 -4.74 -4.74
N GLN A 19 3.27 -4.33 -5.65
CA GLN A 19 3.36 -4.76 -7.08
C GLN A 19 4.82 -4.71 -7.58
N LYS A 20 5.40 -3.55 -7.49
CA LYS A 20 6.80 -3.36 -7.94
C LYS A 20 7.81 -4.12 -7.05
N SER A 21 7.60 -4.06 -5.76
CA SER A 21 8.50 -4.75 -4.79
C SER A 21 8.75 -6.23 -5.17
N LYS A 22 7.66 -6.91 -5.43
CA LYS A 22 7.74 -8.36 -5.81
C LYS A 22 7.94 -8.57 -7.34
N VAL A 23 8.74 -7.74 -7.95
CA VAL A 23 9.00 -7.87 -9.42
C VAL A 23 10.15 -8.87 -9.67
N ALA A 24 9.93 -10.08 -9.25
CA ALA A 24 10.92 -11.20 -9.40
C ALA A 24 12.32 -10.80 -8.87
N VAL A 25 12.30 -10.07 -7.78
CA VAL A 25 13.56 -9.60 -7.14
C VAL A 25 14.41 -10.77 -6.61
N SER A 26 15.70 -10.68 -6.88
CA SER A 26 16.65 -11.73 -6.43
C SER A 26 17.33 -11.28 -5.12
N SER A 1 -4.59 12.34 15.28
CA SER A 1 -4.52 11.83 13.88
C SER A 1 -5.49 10.65 13.74
N GLU A 2 -6.54 10.87 12.99
CA GLU A 2 -7.56 9.79 12.77
C GLU A 2 -7.03 8.81 11.71
N TYR A 3 -6.25 7.86 12.17
CA TYR A 3 -5.67 6.83 11.25
C TYR A 3 -6.81 6.12 10.49
N ALA A 4 -7.94 5.99 11.14
CA ALA A 4 -9.13 5.32 10.52
C ALA A 4 -9.46 5.79 9.09
N SER A 5 -9.08 7.01 8.77
CA SER A 5 -9.35 7.55 7.40
C SER A 5 -8.20 7.15 6.48
N LYS A 6 -7.02 7.46 6.96
CA LYS A 6 -5.78 7.15 6.20
C LYS A 6 -5.63 5.65 5.88
N VAL A 7 -6.18 4.83 6.74
CA VAL A 7 -6.13 3.36 6.58
C VAL A 7 -6.49 2.90 5.17
N ASP A 8 -7.45 3.58 4.61
CA ASP A 8 -7.93 3.27 3.23
C ASP A 8 -7.21 4.18 2.23
N GLU A 9 -7.12 5.42 2.61
CA GLU A 9 -6.45 6.48 1.79
C GLU A 9 -5.08 6.00 1.28
N TYR A 10 -4.43 5.25 2.13
CA TYR A 10 -3.07 4.68 1.82
C TYR A 10 -3.09 3.23 1.33
N VAL A 11 -4.12 2.49 1.68
CA VAL A 11 -4.23 1.05 1.24
C VAL A 11 -3.89 0.88 -0.26
N GLY A 12 -4.46 1.74 -1.06
CA GLY A 12 -4.22 1.68 -2.54
C GLY A 12 -2.71 1.78 -2.83
N GLU A 13 -2.09 2.78 -2.24
CA GLU A 13 -0.62 2.99 -2.43
C GLU A 13 0.17 1.77 -1.95
N VAL A 14 -0.19 1.24 -0.81
CA VAL A 14 0.51 0.04 -0.25
C VAL A 14 0.49 -1.07 -1.31
N GLU A 15 -0.70 -1.33 -1.79
CA GLU A 15 -0.89 -2.38 -2.83
C GLU A 15 0.04 -2.11 -4.02
N ASN A 16 0.00 -0.88 -4.46
CA ASN A 16 0.83 -0.43 -5.61
C ASN A 16 2.30 -0.77 -5.33
N ASP A 17 2.75 -0.41 -4.16
CA ASP A 17 4.17 -0.68 -3.77
C ASP A 17 4.47 -2.18 -3.76
N LEU A 18 3.57 -2.94 -3.19
CA LEU A 18 3.75 -4.41 -3.12
C LEU A 18 4.01 -4.99 -4.50
N GLN A 19 3.23 -4.53 -5.44
CA GLN A 19 3.38 -5.00 -6.86
C GLN A 19 4.76 -4.51 -7.38
N LYS A 20 4.92 -3.21 -7.33
CA LYS A 20 6.17 -2.54 -7.79
C LYS A 20 7.45 -2.93 -7.01
N SER A 21 7.30 -3.55 -5.86
CA SER A 21 8.49 -3.94 -5.06
C SER A 21 9.44 -4.89 -5.81
N LYS A 22 8.94 -5.54 -6.84
CA LYS A 22 9.78 -6.49 -7.64
C LYS A 22 9.72 -6.05 -9.12
N VAL A 23 9.88 -4.77 -9.32
CA VAL A 23 9.86 -4.17 -10.70
C VAL A 23 11.24 -4.26 -11.36
N ALA A 24 11.80 -5.45 -11.34
CA ALA A 24 13.14 -5.70 -11.94
C ALA A 24 14.20 -4.79 -11.28
N VAL A 25 14.34 -4.99 -10.00
CA VAL A 25 15.31 -4.19 -9.19
C VAL A 25 16.02 -5.14 -8.21
N SER A 26 16.57 -6.18 -8.80
CA SER A 26 17.33 -7.25 -8.07
C SER A 26 16.46 -8.07 -7.08
N SER A 1 -2.03 11.54 12.96
CA SER A 1 -3.06 11.23 13.99
C SER A 1 -3.75 9.90 13.66
N GLU A 2 -4.47 9.40 14.62
CA GLU A 2 -5.21 8.10 14.45
C GLU A 2 -6.46 8.34 13.58
N TYR A 3 -6.25 8.25 12.29
CA TYR A 3 -7.36 8.46 11.31
C TYR A 3 -8.38 7.32 11.41
N ALA A 4 -7.88 6.12 11.31
CA ALA A 4 -8.72 4.89 11.38
C ALA A 4 -9.80 4.87 10.29
N SER A 5 -9.62 5.72 9.30
CA SER A 5 -10.57 5.83 8.16
C SER A 5 -9.77 6.01 6.87
N LYS A 6 -9.32 7.23 6.63
CA LYS A 6 -8.52 7.51 5.40
C LYS A 6 -7.22 6.69 5.37
N VAL A 7 -6.92 6.05 6.48
CA VAL A 7 -5.70 5.20 6.59
C VAL A 7 -5.75 4.14 5.49
N ASP A 8 -6.90 3.56 5.34
CA ASP A 8 -7.13 2.50 4.32
C ASP A 8 -7.04 3.09 2.90
N GLU A 9 -7.35 4.36 2.78
CA GLU A 9 -7.29 5.01 1.44
C GLU A 9 -5.81 5.08 1.02
N TYR A 10 -5.02 5.72 1.85
CA TYR A 10 -3.55 5.86 1.56
C TYR A 10 -2.90 4.53 1.15
N VAL A 11 -3.19 3.49 1.89
CA VAL A 11 -2.63 2.12 1.62
C VAL A 11 -2.53 1.73 0.13
N GLY A 12 -3.37 2.30 -0.71
CA GLY A 12 -3.33 1.97 -2.17
C GLY A 12 -1.90 2.09 -2.73
N GLU A 13 -1.20 3.09 -2.27
CA GLU A 13 0.21 3.31 -2.73
C GLU A 13 1.09 2.17 -2.22
N VAL A 14 0.93 1.84 -0.96
CA VAL A 14 1.73 0.73 -0.36
C VAL A 14 1.54 -0.52 -1.22
N GLU A 15 0.29 -0.79 -1.53
CA GLU A 15 -0.06 -1.95 -2.37
C GLU A 15 0.68 -1.86 -3.70
N ASN A 16 0.59 -0.70 -4.31
CA ASN A 16 1.26 -0.44 -5.62
C ASN A 16 2.75 -0.81 -5.52
N ASP A 17 3.36 -0.36 -4.45
CA ASP A 17 4.80 -0.62 -4.21
C ASP A 17 5.07 -2.12 -4.24
N LEU A 18 4.27 -2.84 -3.49
CA LEU A 18 4.41 -4.32 -3.42
C LEU A 18 4.24 -4.95 -4.81
N GLN A 19 3.20 -4.53 -5.50
CA GLN A 19 2.92 -5.07 -6.87
C GLN A 19 4.18 -4.95 -7.73
N LYS A 20 4.75 -3.77 -7.72
CA LYS A 20 6.00 -3.51 -8.49
C LYS A 20 7.11 -4.46 -8.02
N SER A 21 7.38 -4.40 -6.73
CA SER A 21 8.43 -5.25 -6.08
C SER A 21 8.45 -6.70 -6.61
N LYS A 22 7.27 -7.23 -6.83
CA LYS A 22 7.07 -8.63 -7.34
C LYS A 22 8.10 -9.05 -8.41
N VAL A 23 8.56 -8.10 -9.21
CA VAL A 23 9.57 -8.41 -10.27
C VAL A 23 10.98 -8.32 -9.65
N ALA A 24 11.16 -9.09 -8.61
CA ALA A 24 12.47 -9.12 -7.88
C ALA A 24 12.56 -10.36 -6.97
N VAL A 25 11.68 -11.31 -7.20
CA VAL A 25 11.67 -12.57 -6.38
C VAL A 25 13.06 -13.23 -6.33
N SER A 26 13.36 -13.81 -5.20
CA SER A 26 14.67 -14.51 -4.96
C SER A 26 15.86 -13.53 -4.84
N SER A 1 -2.43 5.48 18.29
CA SER A 1 -2.94 6.18 17.08
C SER A 1 -3.74 5.17 16.24
N GLU A 2 -5.03 5.16 16.49
CA GLU A 2 -5.94 4.23 15.73
C GLU A 2 -6.36 4.88 14.41
N TYR A 3 -5.51 4.71 13.44
CA TYR A 3 -5.75 5.27 12.06
C TYR A 3 -6.82 4.42 11.36
N ALA A 4 -7.63 5.08 10.56
CA ALA A 4 -8.71 4.37 9.82
C ALA A 4 -8.92 5.05 8.46
N SER A 5 -9.60 6.17 8.45
CA SER A 5 -9.85 6.90 7.16
C SER A 5 -8.57 7.08 6.33
N LYS A 6 -7.61 7.73 6.94
CA LYS A 6 -6.30 7.98 6.25
C LYS A 6 -5.62 6.70 5.79
N VAL A 7 -5.71 5.69 6.62
CA VAL A 7 -5.06 4.40 6.26
C VAL A 7 -5.75 3.83 5.01
N ASP A 8 -7.05 3.69 5.07
CA ASP A 8 -7.83 3.15 3.92
C ASP A 8 -7.67 4.00 2.65
N GLU A 9 -7.35 5.25 2.84
CA GLU A 9 -7.16 6.17 1.68
C GLU A 9 -5.85 5.86 0.94
N TYR A 10 -4.76 5.91 1.65
CA TYR A 10 -3.42 5.64 1.01
C TYR A 10 -3.11 4.15 0.76
N VAL A 11 -3.69 3.27 1.54
CA VAL A 11 -3.46 1.79 1.40
C VAL A 11 -3.45 1.32 -0.07
N GLY A 12 -4.38 1.80 -0.85
CA GLY A 12 -4.44 1.39 -2.29
C GLY A 12 -3.09 1.60 -2.99
N GLU A 13 -2.63 2.82 -2.96
CA GLU A 13 -1.32 3.15 -3.61
C GLU A 13 -0.18 2.35 -2.96
N VAL A 14 -0.20 2.23 -1.66
CA VAL A 14 0.89 1.47 -0.97
C VAL A 14 0.93 0.05 -1.52
N GLU A 15 -0.21 -0.58 -1.56
CA GLU A 15 -0.31 -1.97 -2.08
C GLU A 15 0.25 -2.00 -3.51
N ASN A 16 -0.17 -1.05 -4.30
CA ASN A 16 0.30 -0.96 -5.72
C ASN A 16 1.84 -0.97 -5.76
N ASP A 17 2.42 -0.12 -4.94
CA ASP A 17 3.91 -0.02 -4.86
C ASP A 17 4.55 -1.35 -4.41
N LEU A 18 4.00 -1.90 -3.36
CA LEU A 18 4.49 -3.17 -2.79
C LEU A 18 4.49 -4.28 -3.84
N GLN A 19 3.37 -4.43 -4.49
CA GLN A 19 3.22 -5.48 -5.56
C GLN A 19 4.44 -5.54 -6.49
N LYS A 20 4.94 -4.38 -6.84
CA LYS A 20 6.13 -4.30 -7.74
C LYS A 20 7.46 -4.47 -6.98
N SER A 21 7.63 -3.70 -5.94
CA SER A 21 8.87 -3.74 -5.11
C SER A 21 9.19 -5.14 -4.52
N LYS A 22 8.14 -5.80 -4.11
CA LYS A 22 8.22 -7.16 -3.51
C LYS A 22 6.89 -7.84 -3.84
N VAL A 23 6.91 -8.60 -4.91
CA VAL A 23 5.68 -9.34 -5.37
C VAL A 23 5.57 -10.68 -4.61
N ALA A 24 5.93 -10.60 -3.35
CA ALA A 24 5.90 -11.75 -2.42
C ALA A 24 6.23 -11.14 -1.06
N VAL A 25 5.21 -11.08 -0.23
CA VAL A 25 5.31 -10.50 1.15
C VAL A 25 5.80 -9.04 1.15
N SER A 26 5.90 -8.48 2.32
CA SER A 26 6.38 -7.06 2.44
C SER A 26 7.87 -6.97 2.04
N SER A 1 1.32 5.72 8.97
CA SER A 1 0.29 6.73 8.61
C SER A 1 -0.78 6.77 9.70
N GLU A 2 -1.31 7.95 9.95
CA GLU A 2 -2.37 8.11 10.99
C GLU A 2 -3.62 7.33 10.55
N TYR A 3 -3.92 6.29 11.28
CA TYR A 3 -5.09 5.42 10.99
C TYR A 3 -6.42 6.16 10.91
N ALA A 4 -7.44 5.41 10.59
CA ALA A 4 -8.85 5.92 10.45
C ALA A 4 -8.90 6.81 9.20
N SER A 5 -9.62 6.31 8.23
CA SER A 5 -9.83 6.98 6.90
C SER A 5 -8.59 6.67 6.05
N LYS A 6 -7.45 7.10 6.53
CA LYS A 6 -6.17 6.86 5.80
C LYS A 6 -5.94 5.35 5.66
N VAL A 7 -6.54 4.60 6.55
CA VAL A 7 -6.40 3.12 6.54
C VAL A 7 -6.78 2.56 5.16
N ASP A 8 -7.84 3.09 4.63
CA ASP A 8 -8.32 2.65 3.28
C ASP A 8 -7.77 3.51 2.14
N GLU A 9 -7.74 4.81 2.35
CA GLU A 9 -7.21 5.73 1.28
C GLU A 9 -5.74 5.42 0.94
N TYR A 10 -4.96 5.23 1.96
CA TYR A 10 -3.52 4.91 1.79
C TYR A 10 -3.29 3.46 1.36
N VAL A 11 -4.26 2.60 1.64
CA VAL A 11 -4.09 1.16 1.23
C VAL A 11 -3.72 1.07 -0.25
N GLY A 12 -4.36 1.88 -1.05
CA GLY A 12 -4.08 1.88 -2.52
C GLY A 12 -2.58 2.07 -2.80
N GLU A 13 -2.01 3.08 -2.19
CA GLU A 13 -0.55 3.34 -2.37
C GLU A 13 0.29 2.18 -1.84
N VAL A 14 -0.05 1.70 -0.66
CA VAL A 14 0.73 0.56 -0.07
C VAL A 14 0.75 -0.58 -1.09
N GLU A 15 -0.43 -0.89 -1.59
CA GLU A 15 -0.56 -1.98 -2.59
C GLU A 15 0.31 -1.66 -3.80
N ASN A 16 0.26 -0.43 -4.24
CA ASN A 16 1.07 0.02 -5.42
C ASN A 16 2.56 -0.29 -5.18
N ASP A 17 3.01 0.03 -4.00
CA ASP A 17 4.45 -0.22 -3.65
C ASP A 17 4.74 -1.72 -3.70
N LEU A 18 3.90 -2.48 -3.04
CA LEU A 18 4.05 -3.96 -2.99
C LEU A 18 4.14 -4.52 -4.41
N GLN A 19 3.22 -4.08 -5.22
CA GLN A 19 3.13 -4.50 -6.65
C GLN A 19 4.53 -4.35 -7.28
N LYS A 20 5.06 -3.16 -7.21
CA LYS A 20 6.42 -2.87 -7.77
C LYS A 20 7.48 -3.79 -7.16
N SER A 21 7.51 -3.81 -5.84
CA SER A 21 8.49 -4.63 -5.06
C SER A 21 8.52 -6.10 -5.52
N LYS A 22 7.36 -6.69 -5.62
CA LYS A 22 7.23 -8.10 -6.05
C LYS A 22 5.85 -8.28 -6.71
N VAL A 23 5.84 -8.16 -8.01
CA VAL A 23 4.58 -8.31 -8.80
C VAL A 23 4.34 -9.79 -9.15
N ALA A 24 4.72 -10.63 -8.23
CA ALA A 24 4.58 -12.11 -8.38
C ALA A 24 4.85 -12.77 -7.03
N VAL A 25 3.93 -12.56 -6.13
CA VAL A 25 4.04 -13.14 -4.75
C VAL A 25 3.83 -14.66 -4.82
N SER A 26 2.87 -15.06 -5.61
CA SER A 26 2.55 -16.51 -5.79
C SER A 26 1.75 -16.73 -7.09
N SER A 1 -0.05 11.47 11.78
CA SER A 1 -1.30 10.91 12.35
C SER A 1 -1.36 9.40 12.13
N GLU A 2 -2.06 8.73 13.00
CA GLU A 2 -2.20 7.24 12.93
C GLU A 2 -3.03 6.85 11.69
N TYR A 3 -2.35 6.21 10.76
CA TYR A 3 -3.01 5.77 9.50
C TYR A 3 -3.86 4.50 9.78
N ALA A 4 -5.09 4.76 10.11
CA ALA A 4 -6.06 3.66 10.42
C ALA A 4 -7.37 3.91 9.65
N SER A 5 -7.75 5.16 9.59
CA SER A 5 -9.00 5.55 8.87
C SER A 5 -8.64 5.83 7.42
N LYS A 6 -7.89 6.89 7.22
CA LYS A 6 -7.45 7.30 5.85
C LYS A 6 -6.58 6.23 5.19
N VAL A 7 -6.15 5.26 5.96
CA VAL A 7 -5.29 4.16 5.43
C VAL A 7 -6.03 3.40 4.31
N ASP A 8 -7.33 3.29 4.51
CA ASP A 8 -8.22 2.58 3.54
C ASP A 8 -8.39 3.43 2.26
N GLU A 9 -8.18 4.72 2.40
CA GLU A 9 -8.31 5.66 1.25
C GLU A 9 -7.00 5.62 0.45
N TYR A 10 -5.94 5.90 1.14
CA TYR A 10 -4.56 5.91 0.55
C TYR A 10 -4.13 4.50 0.12
N VAL A 11 -4.89 3.53 0.54
CA VAL A 11 -4.62 2.10 0.22
C VAL A 11 -4.17 1.90 -1.24
N GLY A 12 -4.74 2.65 -2.15
CA GLY A 12 -4.36 2.52 -3.60
C GLY A 12 -2.84 2.62 -3.79
N GLU A 13 -2.30 3.75 -3.40
CA GLU A 13 -0.82 3.97 -3.54
C GLU A 13 -0.03 2.95 -2.72
N VAL A 14 -0.52 2.63 -1.55
CA VAL A 14 0.20 1.63 -0.70
C VAL A 14 0.31 0.32 -1.50
N GLU A 15 -0.80 -0.10 -2.05
CA GLU A 15 -0.85 -1.35 -2.85
C GLU A 15 0.17 -1.25 -3.98
N ASN A 16 0.21 -0.12 -4.63
CA ASN A 16 1.17 0.10 -5.75
C ASN A 16 2.60 -0.22 -5.28
N ASP A 17 2.95 0.37 -4.17
CA ASP A 17 4.30 0.18 -3.57
C ASP A 17 4.55 -1.30 -3.20
N LEU A 18 3.57 -1.87 -2.56
CA LEU A 18 3.64 -3.28 -2.12
C LEU A 18 3.87 -4.21 -3.32
N GLN A 19 3.10 -3.99 -4.35
CA GLN A 19 3.21 -4.81 -5.59
C GLN A 19 4.68 -5.01 -5.98
N LYS A 20 5.35 -3.92 -6.25
CA LYS A 20 6.79 -3.98 -6.64
C LYS A 20 7.64 -4.75 -5.62
N SER A 21 7.50 -4.39 -4.37
CA SER A 21 8.27 -5.05 -3.27
C SER A 21 8.09 -6.58 -3.27
N LYS A 22 6.84 -6.96 -3.27
CA LYS A 22 6.44 -8.41 -3.26
C LYS A 22 7.01 -9.15 -4.47
N VAL A 23 6.74 -8.60 -5.63
CA VAL A 23 7.22 -9.18 -6.91
C VAL A 23 8.61 -8.62 -7.23
N ALA A 24 9.54 -9.00 -6.38
CA ALA A 24 10.96 -8.57 -6.51
C ALA A 24 11.84 -9.82 -6.37
N VAL A 25 11.85 -10.36 -5.18
CA VAL A 25 12.65 -11.60 -4.86
C VAL A 25 14.07 -11.53 -5.47
N SER A 26 14.69 -10.39 -5.26
CA SER A 26 16.06 -10.14 -5.77
C SER A 26 16.93 -9.49 -4.69
N SER A 1 -8.16 13.15 16.17
CA SER A 1 -7.93 12.73 14.76
C SER A 1 -7.90 11.19 14.73
N GLU A 2 -8.95 10.60 14.23
CA GLU A 2 -9.02 9.11 14.15
C GLU A 2 -8.30 8.61 12.89
N TYR A 3 -7.18 7.98 13.11
CA TYR A 3 -6.34 7.42 11.99
C TYR A 3 -7.14 6.44 11.11
N ALA A 4 -8.18 5.86 11.65
CA ALA A 4 -9.00 4.89 10.86
C ALA A 4 -9.66 5.55 9.63
N SER A 5 -9.93 4.72 8.67
CA SER A 5 -10.57 5.08 7.35
C SER A 5 -9.54 5.72 6.43
N LYS A 6 -8.97 6.82 6.86
CA LYS A 6 -7.95 7.52 6.03
C LYS A 6 -6.77 6.56 5.78
N VAL A 7 -6.44 5.79 6.79
CA VAL A 7 -5.33 4.81 6.69
C VAL A 7 -5.51 3.93 5.43
N ASP A 8 -6.71 3.44 5.32
CA ASP A 8 -7.06 2.56 4.16
C ASP A 8 -7.00 3.34 2.84
N GLU A 9 -7.57 4.51 2.85
CA GLU A 9 -7.59 5.39 1.64
C GLU A 9 -6.16 5.47 1.08
N TYR A 10 -5.25 5.73 1.97
CA TYR A 10 -3.81 5.84 1.58
C TYR A 10 -3.20 4.48 1.14
N VAL A 11 -3.38 3.45 1.94
CA VAL A 11 -2.83 2.08 1.62
C VAL A 11 -2.79 1.67 0.13
N GLY A 12 -3.70 2.19 -0.66
CA GLY A 12 -3.72 1.84 -2.13
C GLY A 12 -2.32 2.01 -2.74
N GLU A 13 -1.66 3.05 -2.32
CA GLU A 13 -0.28 3.38 -2.79
C GLU A 13 0.69 2.28 -2.32
N VAL A 14 0.58 1.90 -1.07
CA VAL A 14 1.48 0.83 -0.53
C VAL A 14 1.31 -0.42 -1.40
N GLU A 15 0.07 -0.76 -1.65
CA GLU A 15 -0.25 -1.94 -2.49
C GLU A 15 0.44 -1.79 -3.86
N ASN A 16 0.29 -0.62 -4.43
CA ASN A 16 0.90 -0.31 -5.76
C ASN A 16 2.41 -0.64 -5.73
N ASP A 17 3.05 -0.15 -4.69
CA ASP A 17 4.51 -0.39 -4.53
C ASP A 17 4.79 -1.90 -4.44
N LEU A 18 4.04 -2.57 -3.61
CA LEU A 18 4.19 -4.04 -3.42
C LEU A 18 4.17 -4.77 -4.77
N GLN A 19 3.21 -4.37 -5.57
CA GLN A 19 3.03 -4.97 -6.93
C GLN A 19 4.39 -5.12 -7.64
N LYS A 20 5.13 -4.03 -7.63
CA LYS A 20 6.48 -4.01 -8.28
C LYS A 20 7.57 -4.67 -7.41
N SER A 21 7.51 -4.45 -6.13
CA SER A 21 8.52 -5.04 -5.18
C SER A 21 8.76 -6.56 -5.43
N LYS A 22 7.68 -7.26 -5.65
CA LYS A 22 7.75 -8.74 -5.90
C LYS A 22 7.82 -9.11 -7.40
N VAL A 23 8.42 -8.25 -8.19
CA VAL A 23 8.55 -8.51 -9.67
C VAL A 23 9.75 -9.42 -10.00
N ALA A 24 9.94 -10.43 -9.20
CA ALA A 24 11.07 -11.39 -9.41
C ALA A 24 10.97 -12.49 -8.34
N VAL A 25 10.87 -12.04 -7.11
CA VAL A 25 10.77 -12.99 -5.96
C VAL A 25 9.46 -13.77 -6.01
N SER A 26 8.36 -13.05 -6.04
CA SER A 26 7.04 -13.72 -6.08
C SER A 26 5.99 -12.82 -6.78
N SER A 1 -2.03 11.54 12.96
CA SER A 1 -3.06 11.23 13.99
C SER A 1 -3.75 9.90 13.66
N GLU A 2 -4.47 9.40 14.62
CA GLU A 2 -5.21 8.10 14.45
C GLU A 2 -6.46 8.34 13.58
N TYR A 3 -6.25 8.25 12.29
CA TYR A 3 -7.36 8.46 11.31
C TYR A 3 -8.38 7.32 11.41
N ALA A 4 -7.88 6.12 11.31
CA ALA A 4 -8.72 4.89 11.38
C ALA A 4 -9.80 4.87 10.29
N SER A 5 -9.62 5.72 9.30
CA SER A 5 -10.57 5.83 8.16
C SER A 5 -9.77 6.01 6.87
N LYS A 6 -9.32 7.23 6.63
CA LYS A 6 -8.52 7.51 5.40
C LYS A 6 -7.22 6.69 5.37
N VAL A 7 -6.92 6.05 6.48
CA VAL A 7 -5.70 5.20 6.59
C VAL A 7 -5.75 4.14 5.49
N ASP A 8 -6.90 3.56 5.34
CA ASP A 8 -7.13 2.50 4.32
C ASP A 8 -7.04 3.09 2.90
N GLU A 9 -7.35 4.36 2.78
CA GLU A 9 -7.29 5.01 1.44
C GLU A 9 -5.81 5.08 1.02
N TYR A 10 -5.02 5.72 1.85
CA TYR A 10 -3.55 5.86 1.56
C TYR A 10 -2.90 4.53 1.15
N VAL A 11 -3.19 3.49 1.89
CA VAL A 11 -2.63 2.12 1.62
C VAL A 11 -2.53 1.73 0.13
N GLY A 12 -3.37 2.30 -0.71
CA GLY A 12 -3.33 1.97 -2.17
C GLY A 12 -1.90 2.09 -2.73
N GLU A 13 -1.20 3.09 -2.27
CA GLU A 13 0.21 3.31 -2.73
C GLU A 13 1.09 2.17 -2.22
N VAL A 14 0.93 1.84 -0.96
CA VAL A 14 1.73 0.73 -0.36
C VAL A 14 1.54 -0.52 -1.22
N GLU A 15 0.29 -0.79 -1.53
CA GLU A 15 -0.06 -1.95 -2.37
C GLU A 15 0.68 -1.86 -3.70
N ASN A 16 0.59 -0.70 -4.31
CA ASN A 16 1.26 -0.44 -5.62
C ASN A 16 2.75 -0.81 -5.52
N ASP A 17 3.36 -0.36 -4.45
CA ASP A 17 4.80 -0.62 -4.21
C ASP A 17 5.07 -2.12 -4.24
N LEU A 18 4.27 -2.84 -3.49
CA LEU A 18 4.41 -4.32 -3.42
C LEU A 18 4.24 -4.95 -4.81
N GLN A 19 3.20 -4.53 -5.50
CA GLN A 19 2.92 -5.07 -6.87
C GLN A 19 4.18 -4.95 -7.73
N LYS A 20 4.75 -3.77 -7.72
CA LYS A 20 6.00 -3.51 -8.49
C LYS A 20 7.11 -4.46 -8.02
N SER A 21 7.38 -4.40 -6.73
CA SER A 21 8.43 -5.25 -6.08
C SER A 21 8.45 -6.70 -6.61
N LYS A 22 7.27 -7.23 -6.83
CA LYS A 22 7.07 -8.63 -7.34
C LYS A 22 8.10 -9.05 -8.41
N VAL A 23 8.56 -8.10 -9.21
CA VAL A 23 9.57 -8.41 -10.27
C VAL A 23 10.98 -8.32 -9.65
N ALA A 24 11.16 -9.09 -8.61
CA ALA A 24 12.47 -9.12 -7.88
C ALA A 24 12.56 -10.36 -6.97
N VAL A 25 11.68 -11.31 -7.20
CA VAL A 25 11.67 -12.57 -6.38
C VAL A 25 13.06 -13.23 -6.33
N SER A 26 13.36 -13.81 -5.20
CA SER A 26 14.67 -14.51 -4.96
C SER A 26 15.86 -13.53 -4.84
N SER A 1 1.70 8.88 11.93
CA SER A 1 0.39 9.15 11.27
C SER A 1 -0.70 8.27 11.90
N GLU A 2 -1.91 8.76 11.83
CA GLU A 2 -3.08 8.04 12.39
C GLU A 2 -3.55 6.92 11.45
N TYR A 3 -3.16 5.72 11.80
CA TYR A 3 -3.51 4.51 10.99
C TYR A 3 -5.03 4.25 11.01
N ALA A 4 -5.45 3.31 10.20
CA ALA A 4 -6.90 2.91 10.10
C ALA A 4 -7.78 4.01 9.46
N SER A 5 -7.20 5.16 9.23
CA SER A 5 -7.94 6.30 8.62
C SER A 5 -7.39 6.52 7.19
N LYS A 6 -6.20 7.06 7.14
CA LYS A 6 -5.54 7.33 5.83
C LYS A 6 -5.25 6.03 5.08
N VAL A 7 -5.08 4.97 5.82
CA VAL A 7 -4.78 3.63 5.24
C VAL A 7 -5.77 3.28 4.12
N ASP A 8 -7.00 3.64 4.38
CA ASP A 8 -8.12 3.40 3.43
C ASP A 8 -8.08 4.35 2.23
N GLU A 9 -7.87 5.61 2.52
CA GLU A 9 -7.80 6.66 1.46
C GLU A 9 -6.68 6.40 0.45
N TYR A 10 -5.53 6.10 0.99
CA TYR A 10 -4.30 5.81 0.20
C TYR A 10 -4.14 4.33 -0.20
N VAL A 11 -5.00 3.50 0.35
CA VAL A 11 -4.96 2.02 0.05
C VAL A 11 -4.57 1.64 -1.39
N GLY A 12 -5.13 2.30 -2.36
CA GLY A 12 -4.80 1.99 -3.80
C GLY A 12 -3.29 2.02 -4.01
N GLU A 13 -2.70 3.14 -3.68
CA GLU A 13 -1.22 3.27 -3.85
C GLU A 13 -0.50 2.27 -2.94
N VAL A 14 -0.96 2.10 -1.73
CA VAL A 14 -0.28 1.12 -0.80
C VAL A 14 -0.15 -0.22 -1.53
N GLU A 15 -1.24 -0.63 -2.11
CA GLU A 15 -1.28 -1.92 -2.86
C GLU A 15 -0.21 -1.89 -3.97
N ASN A 16 -0.23 -0.83 -4.73
CA ASN A 16 0.76 -0.65 -5.84
C ASN A 16 2.20 -0.80 -5.31
N ASP A 17 2.43 -0.13 -4.22
CA ASP A 17 3.75 -0.15 -3.55
C ASP A 17 4.14 -1.56 -3.17
N LEU A 18 3.26 -2.26 -2.51
CA LEU A 18 3.54 -3.65 -2.07
C LEU A 18 3.98 -4.50 -3.27
N GLN A 19 3.20 -4.40 -4.31
CA GLN A 19 3.49 -5.15 -5.57
C GLN A 19 4.96 -4.93 -5.98
N LYS A 20 5.30 -3.67 -6.13
CA LYS A 20 6.68 -3.28 -6.52
C LYS A 20 7.78 -3.68 -5.51
N SER A 21 7.53 -3.41 -4.26
CA SER A 21 8.48 -3.71 -3.14
C SER A 21 9.19 -5.05 -3.30
N LYS A 22 8.41 -6.07 -3.55
CA LYS A 22 9.00 -7.43 -3.72
C LYS A 22 10.06 -7.37 -4.82
N VAL A 23 9.64 -6.93 -5.99
CA VAL A 23 10.57 -6.82 -7.15
C VAL A 23 11.24 -5.42 -7.20
N ALA A 24 11.61 -4.95 -6.04
CA ALA A 24 12.28 -3.61 -5.93
C ALA A 24 13.10 -3.54 -4.64
N VAL A 25 14.37 -3.87 -4.81
CA VAL A 25 15.33 -3.86 -3.67
C VAL A 25 16.08 -2.52 -3.66
N SER A 26 16.51 -2.11 -4.83
CA SER A 26 17.26 -0.81 -5.02
C SER A 26 18.67 -0.83 -4.39
N SER A 1 0.30 8.72 15.08
CA SER A 1 -0.52 8.80 13.84
C SER A 1 -1.70 7.82 13.97
N GLU A 2 -2.82 8.36 14.36
CA GLU A 2 -4.06 7.53 14.53
C GLU A 2 -4.66 7.21 13.14
N TYR A 3 -4.39 6.01 12.69
CA TYR A 3 -4.92 5.55 11.37
C TYR A 3 -6.43 5.35 11.43
N ALA A 4 -7.12 6.26 10.80
CA ALA A 4 -8.61 6.24 10.74
C ALA A 4 -9.04 7.01 9.48
N SER A 5 -9.78 6.33 8.65
CA SER A 5 -10.32 6.88 7.35
C SER A 5 -9.19 6.89 6.30
N LYS A 6 -8.14 7.61 6.60
CA LYS A 6 -6.98 7.70 5.66
C LYS A 6 -6.39 6.30 5.40
N VAL A 7 -6.63 5.42 6.34
CA VAL A 7 -6.14 4.01 6.25
C VAL A 7 -6.53 3.34 4.94
N ASP A 8 -7.72 3.65 4.51
CA ASP A 8 -8.29 3.10 3.26
C ASP A 8 -7.61 3.66 2.00
N GLU A 9 -7.63 4.96 1.87
CA GLU A 9 -6.99 5.60 0.67
C GLU A 9 -5.50 5.23 0.58
N TYR A 10 -4.85 5.22 1.71
CA TYR A 10 -3.39 4.88 1.76
C TYR A 10 -3.17 3.39 1.42
N VAL A 11 -4.12 2.55 1.78
CA VAL A 11 -3.99 1.09 1.49
C VAL A 11 -3.67 0.92 -0.01
N GLY A 12 -4.38 1.65 -0.82
CA GLY A 12 -4.16 1.59 -2.30
C GLY A 12 -2.68 1.79 -2.64
N GLU A 13 -2.10 2.85 -2.11
CA GLU A 13 -0.65 3.15 -2.38
C GLU A 13 0.24 2.01 -1.88
N VAL A 14 -0.04 1.53 -0.69
CA VAL A 14 0.78 0.41 -0.11
C VAL A 14 0.77 -0.75 -1.13
N GLU A 15 -0.40 -1.07 -1.58
CA GLU A 15 -0.55 -2.17 -2.58
C GLU A 15 0.31 -1.86 -3.82
N ASN A 16 0.23 -0.63 -4.27
CA ASN A 16 1.03 -0.20 -5.47
C ASN A 16 2.52 -0.50 -5.24
N ASP A 17 2.98 -0.11 -4.08
CA ASP A 17 4.40 -0.33 -3.69
C ASP A 17 4.76 -1.82 -3.75
N LEU A 18 3.95 -2.61 -3.11
CA LEU A 18 4.14 -4.07 -3.08
C LEU A 18 4.25 -4.61 -4.51
N GLN A 19 3.32 -4.18 -5.32
CA GLN A 19 3.26 -4.59 -6.77
C GLN A 19 4.65 -4.38 -7.41
N LYS A 20 5.15 -3.18 -7.25
CA LYS A 20 6.48 -2.81 -7.81
C LYS A 20 7.60 -3.71 -7.26
N SER A 21 7.63 -3.87 -5.96
CA SER A 21 8.66 -4.74 -5.31
C SER A 21 8.89 -6.07 -6.06
N LYS A 22 7.80 -6.70 -6.43
CA LYS A 22 7.85 -7.99 -7.17
C LYS A 22 7.46 -7.82 -8.65
N VAL A 23 8.04 -6.82 -9.27
CA VAL A 23 7.76 -6.52 -10.71
C VAL A 23 8.61 -7.43 -11.62
N ALA A 24 8.37 -8.70 -11.46
CA ALA A 24 9.08 -9.77 -12.23
C ALA A 24 8.04 -10.80 -12.70
N VAL A 25 6.89 -10.79 -12.07
CA VAL A 25 5.80 -11.75 -12.44
C VAL A 25 5.26 -11.49 -13.86
N SER A 26 5.45 -10.27 -14.31
CA SER A 26 5.00 -9.82 -15.67
C SER A 26 3.47 -9.72 -15.82
N SER A 1 -7.10 12.18 16.14
CA SER A 1 -8.39 11.72 15.53
C SER A 1 -8.35 10.19 15.36
N GLU A 2 -9.51 9.63 15.11
CA GLU A 2 -9.60 8.14 14.92
C GLU A 2 -9.23 7.79 13.47
N TYR A 3 -7.94 7.59 13.29
CA TYR A 3 -7.41 7.24 11.94
C TYR A 3 -7.70 5.78 11.56
N ALA A 4 -8.69 5.63 10.73
CA ALA A 4 -9.14 4.29 10.24
C ALA A 4 -9.93 4.52 8.96
N SER A 5 -9.66 3.68 7.98
CA SER A 5 -10.31 3.69 6.63
C SER A 5 -9.60 4.76 5.82
N LYS A 6 -9.70 5.99 6.26
CA LYS A 6 -9.05 7.13 5.55
C LYS A 6 -7.54 6.87 5.49
N VAL A 7 -7.04 6.31 6.57
CA VAL A 7 -5.59 5.98 6.66
C VAL A 7 -5.24 4.98 5.54
N ASP A 8 -6.11 4.01 5.40
CA ASP A 8 -5.95 2.95 4.37
C ASP A 8 -6.09 3.52 2.95
N GLU A 9 -7.04 4.40 2.76
CA GLU A 9 -7.30 5.05 1.43
C GLU A 9 -5.98 5.43 0.78
N TYR A 10 -5.10 5.93 1.61
CA TYR A 10 -3.74 6.35 1.13
C TYR A 10 -2.81 5.14 1.03
N VAL A 11 -2.69 4.39 2.09
CA VAL A 11 -1.79 3.18 2.12
C VAL A 11 -1.95 2.28 0.87
N GLY A 12 -3.15 2.20 0.36
CA GLY A 12 -3.44 1.37 -0.85
C GLY A 12 -2.39 1.60 -1.96
N GLU A 13 -2.05 2.85 -2.18
CA GLU A 13 -1.05 3.19 -3.24
C GLU A 13 0.33 2.60 -2.88
N VAL A 14 0.70 2.77 -1.64
CA VAL A 14 2.02 2.24 -1.17
C VAL A 14 2.06 0.72 -1.45
N GLU A 15 0.99 0.08 -1.07
CA GLU A 15 0.88 -1.39 -1.28
C GLU A 15 1.02 -1.69 -2.79
N ASN A 16 0.30 -0.94 -3.58
CA ASN A 16 0.33 -1.11 -5.06
C ASN A 16 1.78 -1.10 -5.57
N ASP A 17 2.55 -0.18 -5.04
CA ASP A 17 4.00 -0.09 -5.44
C ASP A 17 4.74 -1.38 -5.08
N LEU A 18 4.58 -1.79 -3.84
CA LEU A 18 5.23 -3.03 -3.36
C LEU A 18 4.87 -4.22 -4.25
N GLN A 19 3.62 -4.26 -4.63
CA GLN A 19 3.08 -5.34 -5.51
C GLN A 19 4.01 -5.62 -6.71
N LYS A 20 4.45 -4.55 -7.33
CA LYS A 20 5.38 -4.68 -8.50
C LYS A 20 6.64 -5.46 -8.11
N SER A 21 7.24 -5.00 -7.04
CA SER A 21 8.49 -5.64 -6.51
C SER A 21 8.27 -7.16 -6.32
N LYS A 22 7.23 -7.48 -5.61
CA LYS A 22 6.86 -8.90 -5.33
C LYS A 22 5.55 -9.21 -6.08
N VAL A 23 5.69 -9.28 -7.38
CA VAL A 23 4.52 -9.56 -8.28
C VAL A 23 4.29 -11.08 -8.41
N ALA A 24 3.96 -11.66 -7.29
CA ALA A 24 3.68 -13.12 -7.18
C ALA A 24 4.85 -13.99 -7.70
N VAL A 25 6.04 -13.56 -7.37
CA VAL A 25 7.27 -14.29 -7.80
C VAL A 25 7.30 -15.72 -7.21
N SER A 26 6.69 -15.85 -6.06
CA SER A 26 6.63 -17.17 -5.36
C SER A 26 5.29 -17.29 -4.58
N SER A 1 -4.44 10.91 13.14
CA SER A 1 -5.18 11.36 11.93
C SER A 1 -5.23 10.21 10.92
N GLU A 2 -4.09 9.90 10.35
CA GLU A 2 -3.98 8.80 9.36
C GLU A 2 -3.79 7.45 10.04
N TYR A 3 -4.45 7.32 11.16
CA TYR A 3 -4.37 6.07 11.98
C TYR A 3 -5.45 5.04 11.60
N ALA A 4 -6.56 5.51 11.07
CA ALA A 4 -7.66 4.59 10.66
C ALA A 4 -8.53 5.23 9.57
N SER A 5 -8.08 6.35 9.08
CA SER A 5 -8.82 7.09 8.01
C SER A 5 -8.02 6.87 6.71
N LYS A 6 -6.83 7.40 6.72
CA LYS A 6 -5.94 7.27 5.54
C LYS A 6 -5.60 5.80 5.27
N VAL A 7 -5.79 4.96 6.25
CA VAL A 7 -5.50 3.50 6.14
C VAL A 7 -6.16 2.90 4.89
N ASP A 8 -7.37 3.34 4.69
CA ASP A 8 -8.19 2.87 3.52
C ASP A 8 -8.02 3.78 2.30
N GLU A 9 -8.05 5.07 2.53
CA GLU A 9 -7.90 6.05 1.40
C GLU A 9 -6.56 5.93 0.67
N TYR A 10 -5.55 5.52 1.40
CA TYR A 10 -4.17 5.34 0.85
C TYR A 10 -3.90 3.89 0.46
N VAL A 11 -4.76 2.99 0.88
CA VAL A 11 -4.61 1.53 0.56
C VAL A 11 -4.18 1.29 -0.91
N GLY A 12 -4.75 2.06 -1.81
CA GLY A 12 -4.41 1.92 -3.25
C GLY A 12 -2.90 2.08 -3.47
N GLU A 13 -2.37 3.16 -2.95
CA GLU A 13 -0.90 3.41 -3.10
C GLU A 13 -0.11 2.28 -2.41
N VAL A 14 -0.59 1.83 -1.27
CA VAL A 14 0.13 0.72 -0.56
C VAL A 14 0.26 -0.46 -1.52
N GLU A 15 -0.85 -0.82 -2.12
CA GLU A 15 -0.87 -1.95 -3.09
C GLU A 15 0.16 -1.69 -4.20
N ASN A 16 0.15 -0.48 -4.71
CA ASN A 16 1.10 -0.10 -5.79
C ASN A 16 2.55 -0.40 -5.35
N ASP A 17 2.86 0.06 -4.17
CA ASP A 17 4.24 -0.15 -3.61
C ASP A 17 4.54 -1.65 -3.53
N LEU A 18 3.60 -2.37 -2.97
CA LEU A 18 3.74 -3.84 -2.81
C LEU A 18 4.08 -4.49 -4.15
N GLN A 19 3.27 -4.14 -5.13
CA GLN A 19 3.44 -4.65 -6.53
C GLN A 19 4.93 -4.63 -6.93
N LYS A 20 5.51 -3.47 -6.77
CA LYS A 20 6.95 -3.25 -7.10
C LYS A 20 7.91 -4.02 -6.16
N SER A 21 7.72 -3.81 -4.88
CA SER A 21 8.56 -4.47 -3.82
C SER A 21 8.67 -5.99 -4.01
N LYS A 22 7.55 -6.60 -4.27
CA LYS A 22 7.48 -8.08 -4.48
C LYS A 22 6.64 -8.31 -5.74
N VAL A 23 7.31 -8.19 -6.86
CA VAL A 23 6.68 -8.37 -8.20
C VAL A 23 6.68 -9.86 -8.59
N ALA A 24 6.18 -10.67 -7.69
CA ALA A 24 6.11 -12.15 -7.90
C ALA A 24 7.49 -12.75 -8.27
N VAL A 25 8.51 -12.13 -7.74
CA VAL A 25 9.93 -12.54 -7.97
C VAL A 25 10.34 -12.37 -9.45
N SER A 26 11.63 -12.36 -9.67
CA SER A 26 12.16 -12.19 -11.07
C SER A 26 11.76 -13.40 -11.95
N SER A 1 -0.05 11.47 11.78
CA SER A 1 -1.30 10.91 12.35
C SER A 1 -1.36 9.40 12.13
N GLU A 2 -2.06 8.73 13.00
CA GLU A 2 -2.20 7.24 12.93
C GLU A 2 -3.03 6.85 11.69
N TYR A 3 -2.35 6.21 10.76
CA TYR A 3 -3.01 5.77 9.50
C TYR A 3 -3.86 4.50 9.78
N ALA A 4 -5.09 4.76 10.11
CA ALA A 4 -6.06 3.66 10.42
C ALA A 4 -7.37 3.91 9.65
N SER A 5 -7.75 5.16 9.59
CA SER A 5 -9.00 5.55 8.87
C SER A 5 -8.64 5.83 7.42
N LYS A 6 -7.89 6.89 7.22
CA LYS A 6 -7.45 7.30 5.85
C LYS A 6 -6.58 6.23 5.19
N VAL A 7 -6.15 5.26 5.96
CA VAL A 7 -5.29 4.16 5.43
C VAL A 7 -6.03 3.40 4.31
N ASP A 8 -7.33 3.29 4.51
CA ASP A 8 -8.22 2.58 3.54
C ASP A 8 -8.39 3.43 2.26
N GLU A 9 -8.18 4.72 2.40
CA GLU A 9 -8.31 5.66 1.25
C GLU A 9 -7.00 5.62 0.45
N TYR A 10 -5.94 5.90 1.14
CA TYR A 10 -4.56 5.91 0.55
C TYR A 10 -4.13 4.50 0.12
N VAL A 11 -4.89 3.53 0.54
CA VAL A 11 -4.62 2.10 0.22
C VAL A 11 -4.17 1.90 -1.24
N GLY A 12 -4.74 2.65 -2.15
CA GLY A 12 -4.36 2.52 -3.60
C GLY A 12 -2.84 2.62 -3.79
N GLU A 13 -2.30 3.75 -3.40
CA GLU A 13 -0.82 3.97 -3.54
C GLU A 13 -0.03 2.95 -2.72
N VAL A 14 -0.52 2.63 -1.55
CA VAL A 14 0.20 1.63 -0.70
C VAL A 14 0.31 0.32 -1.50
N GLU A 15 -0.80 -0.10 -2.05
CA GLU A 15 -0.85 -1.35 -2.85
C GLU A 15 0.17 -1.25 -3.98
N ASN A 16 0.21 -0.12 -4.63
CA ASN A 16 1.17 0.10 -5.75
C ASN A 16 2.60 -0.22 -5.28
N ASP A 17 2.95 0.37 -4.17
CA ASP A 17 4.30 0.18 -3.57
C ASP A 17 4.55 -1.30 -3.20
N LEU A 18 3.57 -1.87 -2.56
CA LEU A 18 3.64 -3.28 -2.12
C LEU A 18 3.87 -4.21 -3.32
N GLN A 19 3.10 -3.99 -4.35
CA GLN A 19 3.21 -4.81 -5.59
C GLN A 19 4.68 -5.01 -5.98
N LYS A 20 5.35 -3.92 -6.25
CA LYS A 20 6.79 -3.98 -6.64
C LYS A 20 7.64 -4.75 -5.62
N SER A 21 7.50 -4.39 -4.37
CA SER A 21 8.27 -5.05 -3.27
C SER A 21 8.09 -6.58 -3.27
N LYS A 22 6.84 -6.96 -3.27
CA LYS A 22 6.44 -8.41 -3.26
C LYS A 22 7.01 -9.15 -4.47
N VAL A 23 6.74 -8.60 -5.63
CA VAL A 23 7.22 -9.18 -6.91
C VAL A 23 8.61 -8.62 -7.23
N ALA A 24 9.54 -9.00 -6.38
CA ALA A 24 10.96 -8.57 -6.51
C ALA A 24 11.84 -9.82 -6.37
N VAL A 25 11.85 -10.36 -5.18
CA VAL A 25 12.65 -11.60 -4.86
C VAL A 25 14.07 -11.53 -5.47
N SER A 26 14.69 -10.39 -5.26
CA SER A 26 16.06 -10.14 -5.77
C SER A 26 16.93 -9.49 -4.69
N SER A 1 -7.10 12.18 16.14
CA SER A 1 -8.39 11.72 15.53
C SER A 1 -8.35 10.19 15.36
N GLU A 2 -9.51 9.63 15.11
CA GLU A 2 -9.60 8.14 14.92
C GLU A 2 -9.23 7.79 13.47
N TYR A 3 -7.94 7.59 13.29
CA TYR A 3 -7.41 7.24 11.94
C TYR A 3 -7.70 5.78 11.56
N ALA A 4 -8.69 5.63 10.73
CA ALA A 4 -9.14 4.29 10.24
C ALA A 4 -9.93 4.52 8.96
N SER A 5 -9.66 3.68 7.98
CA SER A 5 -10.31 3.69 6.63
C SER A 5 -9.60 4.76 5.82
N LYS A 6 -9.70 5.99 6.26
CA LYS A 6 -9.05 7.13 5.55
C LYS A 6 -7.54 6.87 5.49
N VAL A 7 -7.04 6.31 6.57
CA VAL A 7 -5.59 5.98 6.66
C VAL A 7 -5.24 4.98 5.54
N ASP A 8 -6.11 4.01 5.40
CA ASP A 8 -5.95 2.95 4.37
C ASP A 8 -6.09 3.52 2.95
N GLU A 9 -7.04 4.40 2.76
CA GLU A 9 -7.30 5.05 1.43
C GLU A 9 -5.98 5.43 0.78
N TYR A 10 -5.10 5.93 1.61
CA TYR A 10 -3.74 6.35 1.13
C TYR A 10 -2.81 5.14 1.03
N VAL A 11 -2.69 4.39 2.09
CA VAL A 11 -1.79 3.18 2.12
C VAL A 11 -1.95 2.28 0.87
N GLY A 12 -3.15 2.20 0.36
CA GLY A 12 -3.44 1.37 -0.85
C GLY A 12 -2.39 1.60 -1.96
N GLU A 13 -2.05 2.85 -2.18
CA GLU A 13 -1.05 3.19 -3.24
C GLU A 13 0.33 2.60 -2.88
N VAL A 14 0.70 2.77 -1.64
CA VAL A 14 2.02 2.24 -1.17
C VAL A 14 2.06 0.72 -1.45
N GLU A 15 0.99 0.08 -1.07
CA GLU A 15 0.88 -1.39 -1.28
C GLU A 15 1.02 -1.69 -2.79
N ASN A 16 0.30 -0.94 -3.58
CA ASN A 16 0.33 -1.11 -5.06
C ASN A 16 1.78 -1.10 -5.57
N ASP A 17 2.55 -0.18 -5.04
CA ASP A 17 4.00 -0.09 -5.44
C ASP A 17 4.74 -1.38 -5.08
N LEU A 18 4.58 -1.79 -3.84
CA LEU A 18 5.23 -3.03 -3.36
C LEU A 18 4.87 -4.22 -4.25
N GLN A 19 3.62 -4.26 -4.63
CA GLN A 19 3.08 -5.34 -5.51
C GLN A 19 4.01 -5.62 -6.71
N LYS A 20 4.45 -4.55 -7.33
CA LYS A 20 5.38 -4.68 -8.50
C LYS A 20 6.64 -5.46 -8.11
N SER A 21 7.24 -5.00 -7.04
CA SER A 21 8.49 -5.64 -6.51
C SER A 21 8.27 -7.16 -6.32
N LYS A 22 7.23 -7.48 -5.61
CA LYS A 22 6.86 -8.90 -5.33
C LYS A 22 5.55 -9.21 -6.08
N VAL A 23 5.69 -9.28 -7.38
CA VAL A 23 4.52 -9.56 -8.28
C VAL A 23 4.29 -11.08 -8.41
N ALA A 24 3.96 -11.66 -7.29
CA ALA A 24 3.68 -13.12 -7.18
C ALA A 24 4.85 -13.99 -7.70
N VAL A 25 6.04 -13.56 -7.37
CA VAL A 25 7.27 -14.29 -7.80
C VAL A 25 7.30 -15.72 -7.21
N SER A 26 6.69 -15.85 -6.06
CA SER A 26 6.63 -17.17 -5.36
C SER A 26 5.29 -17.29 -4.58
N SER A 1 -2.03 11.54 12.96
CA SER A 1 -3.06 11.23 13.99
C SER A 1 -3.75 9.90 13.66
N GLU A 2 -4.47 9.40 14.62
CA GLU A 2 -5.21 8.10 14.45
C GLU A 2 -6.46 8.34 13.58
N TYR A 3 -6.25 8.25 12.29
CA TYR A 3 -7.36 8.46 11.31
C TYR A 3 -8.38 7.32 11.41
N ALA A 4 -7.88 6.12 11.31
CA ALA A 4 -8.72 4.89 11.38
C ALA A 4 -9.80 4.87 10.29
N SER A 5 -9.62 5.72 9.30
CA SER A 5 -10.57 5.83 8.16
C SER A 5 -9.77 6.01 6.87
N LYS A 6 -9.32 7.23 6.63
CA LYS A 6 -8.52 7.51 5.40
C LYS A 6 -7.22 6.69 5.37
N VAL A 7 -6.92 6.05 6.48
CA VAL A 7 -5.70 5.20 6.59
C VAL A 7 -5.75 4.14 5.49
N ASP A 8 -6.90 3.56 5.34
CA ASP A 8 -7.13 2.50 4.32
C ASP A 8 -7.04 3.09 2.90
N GLU A 9 -7.35 4.36 2.78
CA GLU A 9 -7.29 5.01 1.44
C GLU A 9 -5.81 5.08 1.02
N TYR A 10 -5.02 5.72 1.85
CA TYR A 10 -3.55 5.86 1.56
C TYR A 10 -2.90 4.53 1.15
N VAL A 11 -3.19 3.49 1.89
CA VAL A 11 -2.63 2.12 1.62
C VAL A 11 -2.53 1.73 0.13
N GLY A 12 -3.37 2.30 -0.71
CA GLY A 12 -3.33 1.97 -2.17
C GLY A 12 -1.90 2.09 -2.73
N GLU A 13 -1.20 3.09 -2.27
CA GLU A 13 0.21 3.31 -2.73
C GLU A 13 1.09 2.17 -2.22
N VAL A 14 0.93 1.84 -0.96
CA VAL A 14 1.73 0.73 -0.36
C VAL A 14 1.54 -0.52 -1.22
N GLU A 15 0.29 -0.79 -1.53
CA GLU A 15 -0.06 -1.95 -2.37
C GLU A 15 0.68 -1.86 -3.70
N ASN A 16 0.59 -0.70 -4.31
CA ASN A 16 1.26 -0.44 -5.62
C ASN A 16 2.75 -0.81 -5.52
N ASP A 17 3.36 -0.36 -4.45
CA ASP A 17 4.80 -0.62 -4.21
C ASP A 17 5.07 -2.12 -4.24
N LEU A 18 4.27 -2.84 -3.49
CA LEU A 18 4.41 -4.32 -3.42
C LEU A 18 4.24 -4.95 -4.81
N GLN A 19 3.20 -4.53 -5.50
CA GLN A 19 2.92 -5.07 -6.87
C GLN A 19 4.18 -4.95 -7.73
N LYS A 20 4.75 -3.77 -7.72
CA LYS A 20 6.00 -3.51 -8.49
C LYS A 20 7.11 -4.46 -8.02
N SER A 21 7.38 -4.40 -6.73
CA SER A 21 8.43 -5.25 -6.08
C SER A 21 8.45 -6.70 -6.61
N LYS A 22 7.27 -7.23 -6.83
CA LYS A 22 7.07 -8.63 -7.34
C LYS A 22 8.10 -9.05 -8.41
N VAL A 23 8.56 -8.10 -9.21
CA VAL A 23 9.57 -8.41 -10.27
C VAL A 23 10.98 -8.32 -9.65
N ALA A 24 11.16 -9.09 -8.61
CA ALA A 24 12.47 -9.12 -7.88
C ALA A 24 12.56 -10.36 -6.97
N VAL A 25 11.68 -11.31 -7.20
CA VAL A 25 11.67 -12.57 -6.38
C VAL A 25 13.06 -13.23 -6.33
N SER A 26 13.36 -13.81 -5.20
CA SER A 26 14.67 -14.51 -4.96
C SER A 26 15.86 -13.53 -4.84
N SER A 1 -0.05 11.47 11.78
CA SER A 1 -1.30 10.91 12.35
C SER A 1 -1.36 9.40 12.13
N GLU A 2 -2.06 8.73 13.00
CA GLU A 2 -2.20 7.24 12.93
C GLU A 2 -3.03 6.85 11.69
N TYR A 3 -2.35 6.21 10.76
CA TYR A 3 -3.01 5.77 9.50
C TYR A 3 -3.86 4.50 9.78
N ALA A 4 -5.09 4.76 10.11
CA ALA A 4 -6.06 3.66 10.42
C ALA A 4 -7.37 3.91 9.65
N SER A 5 -7.75 5.16 9.59
CA SER A 5 -9.00 5.55 8.87
C SER A 5 -8.64 5.83 7.42
N LYS A 6 -7.89 6.89 7.22
CA LYS A 6 -7.45 7.30 5.85
C LYS A 6 -6.58 6.23 5.19
N VAL A 7 -6.15 5.26 5.96
CA VAL A 7 -5.29 4.16 5.43
C VAL A 7 -6.03 3.40 4.31
N ASP A 8 -7.33 3.29 4.51
CA ASP A 8 -8.22 2.58 3.54
C ASP A 8 -8.39 3.43 2.26
N GLU A 9 -8.18 4.72 2.40
CA GLU A 9 -8.31 5.66 1.25
C GLU A 9 -7.00 5.62 0.45
N TYR A 10 -5.94 5.90 1.14
CA TYR A 10 -4.56 5.91 0.55
C TYR A 10 -4.13 4.50 0.12
N VAL A 11 -4.89 3.53 0.54
CA VAL A 11 -4.62 2.10 0.22
C VAL A 11 -4.17 1.90 -1.24
N GLY A 12 -4.74 2.65 -2.15
CA GLY A 12 -4.36 2.52 -3.60
C GLY A 12 -2.84 2.62 -3.79
N GLU A 13 -2.30 3.75 -3.40
CA GLU A 13 -0.82 3.97 -3.54
C GLU A 13 -0.03 2.95 -2.72
N VAL A 14 -0.52 2.63 -1.55
CA VAL A 14 0.20 1.63 -0.70
C VAL A 14 0.31 0.32 -1.50
N GLU A 15 -0.80 -0.10 -2.05
CA GLU A 15 -0.85 -1.35 -2.85
C GLU A 15 0.17 -1.25 -3.98
N ASN A 16 0.21 -0.12 -4.63
CA ASN A 16 1.17 0.10 -5.75
C ASN A 16 2.60 -0.22 -5.28
N ASP A 17 2.95 0.37 -4.17
CA ASP A 17 4.30 0.18 -3.57
C ASP A 17 4.55 -1.30 -3.20
N LEU A 18 3.57 -1.87 -2.56
CA LEU A 18 3.64 -3.28 -2.12
C LEU A 18 3.87 -4.21 -3.32
N GLN A 19 3.10 -3.99 -4.35
CA GLN A 19 3.21 -4.81 -5.59
C GLN A 19 4.68 -5.01 -5.98
N LYS A 20 5.35 -3.92 -6.25
CA LYS A 20 6.79 -3.98 -6.64
C LYS A 20 7.64 -4.75 -5.62
N SER A 21 7.50 -4.39 -4.37
CA SER A 21 8.27 -5.05 -3.27
C SER A 21 8.09 -6.58 -3.27
N LYS A 22 6.84 -6.96 -3.27
CA LYS A 22 6.44 -8.41 -3.26
C LYS A 22 7.01 -9.15 -4.47
N VAL A 23 6.74 -8.60 -5.63
CA VAL A 23 7.22 -9.18 -6.91
C VAL A 23 8.61 -8.62 -7.23
N ALA A 24 9.54 -9.00 -6.38
CA ALA A 24 10.96 -8.57 -6.51
C ALA A 24 11.84 -9.82 -6.37
N VAL A 25 11.85 -10.36 -5.18
CA VAL A 25 12.65 -11.60 -4.86
C VAL A 25 14.07 -11.53 -5.47
N SER A 26 14.69 -10.39 -5.26
CA SER A 26 16.06 -10.14 -5.77
C SER A 26 16.93 -9.49 -4.69
N SER A 1 0.30 8.72 15.08
CA SER A 1 -0.52 8.80 13.84
C SER A 1 -1.70 7.82 13.97
N GLU A 2 -2.82 8.36 14.36
CA GLU A 2 -4.06 7.53 14.53
C GLU A 2 -4.66 7.21 13.14
N TYR A 3 -4.39 6.01 12.69
CA TYR A 3 -4.92 5.55 11.37
C TYR A 3 -6.43 5.35 11.43
N ALA A 4 -7.12 6.26 10.80
CA ALA A 4 -8.61 6.24 10.74
C ALA A 4 -9.04 7.01 9.48
N SER A 5 -9.78 6.33 8.65
CA SER A 5 -10.32 6.88 7.35
C SER A 5 -9.19 6.89 6.30
N LYS A 6 -8.14 7.61 6.60
CA LYS A 6 -6.98 7.70 5.66
C LYS A 6 -6.39 6.30 5.40
N VAL A 7 -6.63 5.42 6.34
CA VAL A 7 -6.14 4.01 6.25
C VAL A 7 -6.53 3.34 4.94
N ASP A 8 -7.72 3.65 4.51
CA ASP A 8 -8.29 3.10 3.26
C ASP A 8 -7.61 3.66 2.00
N GLU A 9 -7.63 4.96 1.87
CA GLU A 9 -6.99 5.60 0.67
C GLU A 9 -5.50 5.23 0.58
N TYR A 10 -4.85 5.22 1.71
CA TYR A 10 -3.39 4.88 1.76
C TYR A 10 -3.17 3.39 1.42
N VAL A 11 -4.12 2.55 1.78
CA VAL A 11 -3.99 1.09 1.49
C VAL A 11 -3.67 0.92 -0.01
N GLY A 12 -4.38 1.65 -0.82
CA GLY A 12 -4.16 1.59 -2.30
C GLY A 12 -2.68 1.79 -2.64
N GLU A 13 -2.10 2.85 -2.11
CA GLU A 13 -0.65 3.15 -2.38
C GLU A 13 0.24 2.01 -1.88
N VAL A 14 -0.04 1.53 -0.69
CA VAL A 14 0.78 0.41 -0.11
C VAL A 14 0.77 -0.75 -1.13
N GLU A 15 -0.40 -1.07 -1.58
CA GLU A 15 -0.55 -2.17 -2.58
C GLU A 15 0.31 -1.86 -3.82
N ASN A 16 0.23 -0.63 -4.27
CA ASN A 16 1.03 -0.20 -5.47
C ASN A 16 2.52 -0.50 -5.24
N ASP A 17 2.98 -0.11 -4.08
CA ASP A 17 4.40 -0.33 -3.69
C ASP A 17 4.76 -1.82 -3.75
N LEU A 18 3.95 -2.61 -3.11
CA LEU A 18 4.14 -4.07 -3.08
C LEU A 18 4.25 -4.61 -4.51
N GLN A 19 3.32 -4.18 -5.32
CA GLN A 19 3.26 -4.59 -6.77
C GLN A 19 4.65 -4.38 -7.41
N LYS A 20 5.15 -3.18 -7.25
CA LYS A 20 6.48 -2.81 -7.81
C LYS A 20 7.60 -3.71 -7.26
N SER A 21 7.63 -3.87 -5.96
CA SER A 21 8.66 -4.74 -5.31
C SER A 21 8.89 -6.07 -6.06
N LYS A 22 7.80 -6.70 -6.43
CA LYS A 22 7.85 -7.99 -7.17
C LYS A 22 7.46 -7.82 -8.65
N VAL A 23 8.04 -6.82 -9.27
CA VAL A 23 7.76 -6.52 -10.71
C VAL A 23 8.61 -7.43 -11.62
N ALA A 24 8.37 -8.70 -11.46
CA ALA A 24 9.08 -9.77 -12.23
C ALA A 24 8.04 -10.80 -12.70
N VAL A 25 6.89 -10.79 -12.07
CA VAL A 25 5.80 -11.75 -12.44
C VAL A 25 5.26 -11.49 -13.86
N SER A 26 5.45 -10.27 -14.31
CA SER A 26 5.00 -9.82 -15.67
C SER A 26 3.47 -9.72 -15.82
N SER A 1 -7.10 12.18 16.14
CA SER A 1 -8.39 11.72 15.53
C SER A 1 -8.35 10.19 15.36
N GLU A 2 -9.51 9.63 15.11
CA GLU A 2 -9.60 8.14 14.92
C GLU A 2 -9.23 7.79 13.47
N TYR A 3 -7.94 7.59 13.29
CA TYR A 3 -7.41 7.24 11.94
C TYR A 3 -7.70 5.78 11.56
N ALA A 4 -8.69 5.63 10.73
CA ALA A 4 -9.14 4.29 10.24
C ALA A 4 -9.93 4.52 8.96
N SER A 5 -9.66 3.68 7.98
CA SER A 5 -10.31 3.69 6.63
C SER A 5 -9.60 4.76 5.82
N LYS A 6 -9.70 5.99 6.26
CA LYS A 6 -9.05 7.13 5.55
C LYS A 6 -7.54 6.87 5.49
N VAL A 7 -7.04 6.31 6.57
CA VAL A 7 -5.59 5.98 6.66
C VAL A 7 -5.24 4.98 5.54
N ASP A 8 -6.11 4.01 5.40
CA ASP A 8 -5.95 2.95 4.37
C ASP A 8 -6.09 3.52 2.95
N GLU A 9 -7.04 4.40 2.76
CA GLU A 9 -7.30 5.05 1.43
C GLU A 9 -5.98 5.43 0.78
N TYR A 10 -5.10 5.93 1.61
CA TYR A 10 -3.74 6.35 1.13
C TYR A 10 -2.81 5.14 1.03
N VAL A 11 -2.69 4.39 2.09
CA VAL A 11 -1.79 3.18 2.12
C VAL A 11 -1.95 2.28 0.87
N GLY A 12 -3.15 2.20 0.36
CA GLY A 12 -3.44 1.37 -0.85
C GLY A 12 -2.39 1.60 -1.96
N GLU A 13 -2.05 2.85 -2.18
CA GLU A 13 -1.05 3.19 -3.24
C GLU A 13 0.33 2.60 -2.88
N VAL A 14 0.70 2.77 -1.64
CA VAL A 14 2.02 2.24 -1.17
C VAL A 14 2.06 0.72 -1.45
N GLU A 15 0.99 0.08 -1.07
CA GLU A 15 0.88 -1.39 -1.28
C GLU A 15 1.02 -1.69 -2.79
N ASN A 16 0.30 -0.94 -3.58
CA ASN A 16 0.33 -1.11 -5.06
C ASN A 16 1.78 -1.10 -5.57
N ASP A 17 2.55 -0.18 -5.04
CA ASP A 17 4.00 -0.09 -5.44
C ASP A 17 4.74 -1.38 -5.08
N LEU A 18 4.58 -1.79 -3.84
CA LEU A 18 5.23 -3.03 -3.36
C LEU A 18 4.87 -4.22 -4.25
N GLN A 19 3.62 -4.26 -4.63
CA GLN A 19 3.08 -5.34 -5.51
C GLN A 19 4.01 -5.62 -6.71
N LYS A 20 4.45 -4.55 -7.33
CA LYS A 20 5.38 -4.68 -8.50
C LYS A 20 6.64 -5.46 -8.11
N SER A 21 7.24 -5.00 -7.04
CA SER A 21 8.49 -5.64 -6.51
C SER A 21 8.27 -7.16 -6.32
N LYS A 22 7.23 -7.48 -5.61
CA LYS A 22 6.86 -8.90 -5.33
C LYS A 22 5.55 -9.21 -6.08
N VAL A 23 5.69 -9.28 -7.38
CA VAL A 23 4.52 -9.56 -8.28
C VAL A 23 4.29 -11.08 -8.41
N ALA A 24 3.96 -11.66 -7.29
CA ALA A 24 3.68 -13.12 -7.18
C ALA A 24 4.85 -13.99 -7.70
N VAL A 25 6.04 -13.56 -7.37
CA VAL A 25 7.27 -14.29 -7.80
C VAL A 25 7.30 -15.72 -7.21
N SER A 26 6.69 -15.85 -6.06
CA SER A 26 6.63 -17.17 -5.36
C SER A 26 5.29 -17.29 -4.58
N SER A 1 -14.45 5.24 15.67
CA SER A 1 -13.82 6.43 15.02
C SER A 1 -12.34 6.12 14.73
N GLU A 2 -12.07 4.88 14.42
CA GLU A 2 -10.67 4.45 14.11
C GLU A 2 -10.09 5.19 12.90
N TYR A 3 -8.89 5.69 13.08
CA TYR A 3 -8.18 6.44 11.99
C TYR A 3 -7.40 5.46 11.12
N ALA A 4 -8.07 4.39 10.74
CA ALA A 4 -7.45 3.34 9.89
C ALA A 4 -8.19 3.22 8.54
N SER A 5 -9.35 3.81 8.46
CA SER A 5 -10.17 3.77 7.22
C SER A 5 -9.70 4.82 6.20
N LYS A 6 -9.92 6.06 6.53
CA LYS A 6 -9.53 7.20 5.64
C LYS A 6 -8.02 7.17 5.35
N VAL A 7 -7.26 6.81 6.35
CA VAL A 7 -5.78 6.74 6.19
C VAL A 7 -5.44 5.70 5.10
N ASP A 8 -6.18 4.62 5.11
CA ASP A 8 -5.95 3.52 4.12
C ASP A 8 -6.06 4.03 2.67
N GLU A 9 -6.85 5.06 2.48
CA GLU A 9 -7.06 5.66 1.13
C GLU A 9 -5.72 5.94 0.44
N TYR A 10 -4.72 6.21 1.25
CA TYR A 10 -3.34 6.51 0.75
C TYR A 10 -2.51 5.22 0.77
N VAL A 11 -2.63 4.50 1.86
CA VAL A 11 -1.87 3.21 2.02
C VAL A 11 -2.06 2.29 0.81
N GLY A 12 -3.29 2.21 0.31
CA GLY A 12 -3.60 1.35 -0.86
C GLY A 12 -2.56 1.47 -1.98
N GLU A 13 -2.21 2.69 -2.33
CA GLU A 13 -1.20 2.90 -3.42
C GLU A 13 0.18 2.39 -2.98
N VAL A 14 0.58 2.73 -1.77
CA VAL A 14 1.91 2.26 -1.27
C VAL A 14 1.96 0.73 -1.41
N GLU A 15 0.90 0.11 -0.95
CA GLU A 15 0.77 -1.37 -1.00
C GLU A 15 0.88 -1.82 -2.47
N ASN A 16 0.22 -1.09 -3.35
CA ASN A 16 0.25 -1.43 -4.81
C ASN A 16 1.71 -1.46 -5.29
N ASP A 17 2.45 -0.43 -4.94
CA ASP A 17 3.89 -0.35 -5.35
C ASP A 17 4.63 -1.60 -4.83
N LEU A 18 4.39 -1.90 -3.58
CA LEU A 18 5.04 -3.08 -2.95
C LEU A 18 4.75 -4.33 -3.78
N GLN A 19 3.48 -4.52 -4.07
CA GLN A 19 3.02 -5.69 -4.89
C GLN A 19 3.91 -5.76 -6.15
N LYS A 20 3.91 -4.66 -6.87
CA LYS A 20 4.72 -4.56 -8.13
C LYS A 20 6.17 -5.02 -7.88
N SER A 21 6.79 -4.41 -6.90
CA SER A 21 8.20 -4.73 -6.52
C SER A 21 8.40 -6.25 -6.33
N LYS A 22 7.56 -6.84 -5.54
CA LYS A 22 7.63 -8.31 -5.26
C LYS A 22 7.58 -9.06 -6.60
N VAL A 23 6.62 -8.67 -7.41
CA VAL A 23 6.43 -9.28 -8.76
C VAL A 23 7.32 -8.54 -9.78
N ALA A 24 8.53 -8.27 -9.34
CA ALA A 24 9.54 -7.55 -10.19
C ALA A 24 10.91 -7.69 -9.51
N VAL A 25 11.50 -8.84 -9.71
CA VAL A 25 12.85 -9.16 -9.11
C VAL A 25 13.70 -9.90 -10.16
N SER A 26 13.05 -10.32 -11.22
CA SER A 26 13.73 -11.07 -12.33
C SER A 26 14.98 -10.33 -12.84
#